data_9F52
#
_entry.id   9F52
#
_cell.length_a   38.056
_cell.length_b   44.029
_cell.length_c   56.055
_cell.angle_alpha   90.000
_cell.angle_beta   94.380
_cell.angle_gamma   90.000
#
_symmetry.space_group_name_H-M   'P 1 21 1'
#
loop_
_entity.id
_entity.type
_entity.pdbx_description
1 polymer 'Heterogeneous nuclear ribonucleoprotein A1, N-terminally processed'
2 non-polymer [4-(methylamino)oxan-4-yl]methanol
3 water water
#
_entity_poly.entity_id   1
_entity_poly.type   'polypeptide(L)'
_entity_poly.pdbx_seq_one_letter_code
;GPMGSKSESPKEPEQLRKLFIGGLSFETTDESLRSHFEQWGTLTDCVVMRDPNTKRSRGFGFVTYATVEEVDAAMNARPH
KVDGRVVEPKRAVSREDSQRPGAHLTVKKIFVGGIKEDTEEHHLRDYFEQYGKIEVIEIMTDRGSGKKRGFAFVTFDDHD
SVDKIVIQKYHTVNGHNCEVRKALSKQEMASASSSQRG
;
_entity_poly.pdbx_strand_id   A
#
loop_
_chem_comp.id
_chem_comp.type
_chem_comp.name
_chem_comp.formula
A1H9W non-polymer [4-(methylamino)oxan-4-yl]methanol 'C7 H15 N O2'
#
# COMPACT_ATOMS: atom_id res chain seq x y z
N PRO A 10 -4.99 -22.29 4.38
CA PRO A 10 -5.77 -21.35 3.56
C PRO A 10 -4.92 -20.15 3.12
N LYS A 11 -4.67 -20.06 1.81
CA LYS A 11 -3.78 -19.05 1.27
C LYS A 11 -4.52 -17.75 1.02
N GLU A 12 -3.86 -16.63 1.31
CA GLU A 12 -4.44 -15.34 0.96
C GLU A 12 -4.64 -15.27 -0.54
N PRO A 13 -5.64 -14.53 -1.01
CA PRO A 13 -5.84 -14.37 -2.46
C PRO A 13 -4.57 -13.87 -3.14
N GLU A 14 -4.28 -14.45 -4.31
CA GLU A 14 -3.04 -14.14 -5.00
C GLU A 14 -2.90 -12.66 -5.31
N GLN A 15 -4.03 -12.00 -5.64
CA GLN A 15 -3.98 -10.58 -5.93
C GLN A 15 -3.37 -9.78 -4.79
N LEU A 16 -3.56 -10.22 -3.55
CA LEU A 16 -3.07 -9.48 -2.40
C LEU A 16 -1.62 -9.82 -2.07
N ARG A 17 -1.02 -10.75 -2.82
CA ARG A 17 0.36 -11.18 -2.62
C ARG A 17 1.29 -10.68 -3.72
N LYS A 18 0.73 -9.85 -4.60
CA LYS A 18 1.52 -9.40 -5.76
C LYS A 18 2.10 -8.00 -5.56
N LEU A 19 3.30 -7.80 -6.09
CA LEU A 19 3.84 -6.43 -6.10
C LEU A 19 4.16 -6.04 -7.53
N PHE A 20 3.61 -4.93 -7.99
N PHE A 20 3.62 -4.92 -7.99
CA PHE A 20 3.95 -4.43 -9.34
CA PHE A 20 3.96 -4.43 -9.35
C PHE A 20 5.21 -3.60 -9.16
C PHE A 20 5.20 -3.58 -9.18
N ILE A 21 6.24 -3.90 -9.95
CA ILE A 21 7.52 -3.16 -9.81
C ILE A 21 7.76 -2.29 -11.05
N GLY A 22 7.66 -0.99 -10.87
CA GLY A 22 7.91 -0.06 -11.96
C GLY A 22 9.31 0.51 -11.90
N GLY A 23 9.69 1.11 -12.99
CA GLY A 23 10.98 1.78 -13.08
C GLY A 23 12.17 0.84 -13.17
N LEU A 24 11.97 -0.36 -13.70
CA LEU A 24 13.07 -1.31 -13.80
C LEU A 24 14.14 -0.81 -14.76
N SER A 25 15.39 -1.18 -14.44
CA SER A 25 16.41 -1.15 -15.47
C SER A 25 16.00 -2.08 -16.61
N PHE A 26 16.24 -1.64 -17.84
CA PHE A 26 15.93 -2.48 -18.99
C PHE A 26 16.79 -3.74 -18.99
N GLU A 27 17.87 -3.78 -18.20
CA GLU A 27 18.70 -4.97 -18.10
C GLU A 27 18.22 -5.97 -17.05
N THR A 28 17.25 -5.61 -16.23
CA THR A 28 16.68 -6.55 -15.27
C THR A 28 15.95 -7.70 -15.97
N THR A 29 16.18 -8.91 -15.49
CA THR A 29 15.62 -10.13 -16.04
C THR A 29 14.73 -10.78 -15.01
N ASP A 30 13.93 -11.77 -15.45
CA ASP A 30 13.19 -12.58 -14.49
C ASP A 30 14.09 -13.07 -13.38
N GLU A 31 15.29 -13.50 -13.75
CA GLU A 31 16.19 -14.10 -12.77
C GLU A 31 16.77 -13.05 -11.82
N SER A 32 17.15 -11.87 -12.33
CA SER A 32 17.73 -10.89 -11.42
C SER A 32 16.66 -10.22 -10.56
N LEU A 33 15.45 -10.06 -11.09
CA LEU A 33 14.35 -9.55 -10.27
C LEU A 33 14.03 -10.53 -9.15
N ARG A 34 14.02 -11.82 -9.46
CA ARG A 34 13.75 -12.85 -8.47
C ARG A 34 14.85 -12.90 -7.41
N SER A 35 16.11 -12.91 -7.84
CA SER A 35 17.19 -12.97 -6.85
C SER A 35 17.11 -11.79 -5.89
N HIS A 36 16.72 -10.62 -6.38
CA HIS A 36 16.62 -9.46 -5.50
C HIS A 36 15.46 -9.65 -4.51
N PHE A 37 14.27 -9.91 -5.01
CA PHE A 37 13.10 -9.88 -4.12
C PHE A 37 12.93 -11.15 -3.30
N GLU A 38 13.67 -12.23 -3.61
CA GLU A 38 13.64 -13.41 -2.76
C GLU A 38 14.28 -13.13 -1.39
N GLN A 39 14.96 -11.99 -1.22
CA GLN A 39 15.48 -11.68 0.12
C GLN A 39 14.38 -11.47 1.14
N TRP A 40 13.15 -11.16 0.72
CA TRP A 40 12.08 -10.85 1.66
C TRP A 40 10.96 -11.87 1.67
N GLY A 41 11.09 -12.97 0.94
CA GLY A 41 10.11 -14.03 1.05
C GLY A 41 10.21 -14.99 -0.12
N THR A 42 9.39 -16.03 -0.02
CA THR A 42 9.27 -17.01 -1.09
C THR A 42 8.49 -16.41 -2.25
N LEU A 43 9.06 -16.45 -3.45
CA LEU A 43 8.37 -15.95 -4.64
C LEU A 43 7.77 -17.11 -5.43
N THR A 44 6.44 -17.11 -5.56
CA THR A 44 5.75 -18.07 -6.41
C THR A 44 5.70 -17.64 -7.87
N ASP A 45 6.00 -16.38 -8.18
CA ASP A 45 6.00 -15.90 -9.55
C ASP A 45 6.87 -14.66 -9.60
N CYS A 46 7.50 -14.44 -10.75
CA CYS A 46 8.39 -13.29 -10.95
C CYS A 46 8.58 -13.09 -12.44
N VAL A 47 8.11 -11.97 -12.96
CA VAL A 47 8.05 -11.73 -14.41
C VAL A 47 8.49 -10.30 -14.71
N VAL A 48 9.41 -10.15 -15.66
CA VAL A 48 9.69 -8.86 -16.30
C VAL A 48 8.85 -8.76 -17.56
N MET A 49 8.13 -7.66 -17.72
CA MET A 49 7.32 -7.50 -18.92
C MET A 49 8.18 -7.03 -20.09
N ARG A 50 7.99 -7.68 -21.24
CA ARG A 50 8.80 -7.42 -22.43
C ARG A 50 7.92 -7.21 -23.64
N ASP A 51 8.49 -6.53 -24.64
CA ASP A 51 7.82 -6.42 -25.91
C ASP A 51 7.71 -7.80 -26.57
N PRO A 52 6.56 -8.13 -27.16
CA PRO A 52 6.41 -9.45 -27.76
C PRO A 52 7.26 -9.67 -28.98
N ASN A 53 7.65 -8.62 -29.69
CA ASN A 53 8.45 -8.76 -30.90
C ASN A 53 9.94 -8.54 -30.65
N THR A 54 10.31 -7.47 -29.95
CA THR A 54 11.72 -7.16 -29.77
C THR A 54 12.35 -7.84 -28.57
N LYS A 55 11.54 -8.31 -27.62
CA LYS A 55 11.97 -8.81 -26.31
C LYS A 55 12.61 -7.73 -25.44
N ARG A 56 12.58 -6.47 -25.88
CA ARG A 56 13.11 -5.40 -25.04
C ARG A 56 12.19 -5.17 -23.87
N SER A 57 12.79 -4.99 -22.69
CA SER A 57 12.03 -4.73 -21.47
C SER A 57 11.09 -3.56 -21.62
N ARG A 58 9.91 -3.70 -21.04
CA ARG A 58 8.97 -2.59 -20.92
C ARG A 58 9.22 -1.78 -19.65
N GLY A 59 10.21 -2.16 -18.85
CA GLY A 59 10.56 -1.35 -17.70
C GLY A 59 9.73 -1.58 -16.46
N PHE A 60 8.95 -2.65 -16.45
CA PHE A 60 8.19 -2.99 -15.22
C PHE A 60 7.96 -4.48 -15.22
N GLY A 61 7.59 -4.95 -14.05
CA GLY A 61 7.28 -6.37 -13.91
C GLY A 61 6.54 -6.59 -12.62
N PHE A 62 6.41 -7.86 -12.25
N PHE A 62 6.42 -7.86 -12.24
CA PHE A 62 5.65 -8.18 -11.02
CA PHE A 62 5.63 -8.19 -11.03
C PHE A 62 6.26 -9.36 -10.31
C PHE A 62 6.25 -9.36 -10.31
N VAL A 63 6.08 -9.39 -8.99
CA VAL A 63 6.57 -10.54 -8.20
C VAL A 63 5.37 -10.97 -7.35
N THR A 64 5.24 -12.26 -7.09
CA THR A 64 4.18 -12.78 -6.22
C THR A 64 4.81 -13.53 -5.06
N TYR A 65 4.52 -13.08 -3.85
CA TYR A 65 5.00 -13.75 -2.64
C TYR A 65 4.03 -14.83 -2.18
N ALA A 66 4.53 -15.71 -1.32
CA ALA A 66 3.68 -16.78 -0.78
C ALA A 66 2.68 -16.25 0.24
N THR A 67 2.99 -15.15 0.92
CA THR A 67 2.13 -14.61 1.96
C THR A 67 2.13 -13.08 1.93
N VAL A 68 1.07 -12.52 2.52
CA VAL A 68 0.95 -11.07 2.66
C VAL A 68 2.03 -10.50 3.59
N GLU A 69 2.38 -11.23 4.65
CA GLU A 69 3.46 -10.73 5.50
C GLU A 69 4.77 -10.57 4.72
N GLU A 70 5.00 -11.41 3.71
CA GLU A 70 6.18 -11.24 2.88
C GLU A 70 6.09 -9.98 2.03
N VAL A 71 4.91 -9.69 1.48
CA VAL A 71 4.71 -8.42 0.78
C VAL A 71 5.05 -7.26 1.70
N ASP A 72 4.52 -7.29 2.93
CA ASP A 72 4.83 -6.26 3.91
C ASP A 72 6.33 -6.13 4.11
N ALA A 73 7.03 -7.25 4.24
CA ALA A 73 8.48 -7.18 4.46
C ALA A 73 9.18 -6.53 3.28
N ALA A 74 8.77 -6.86 2.07
CA ALA A 74 9.38 -6.24 0.91
C ALA A 74 9.10 -4.75 0.88
N MET A 75 7.86 -4.34 1.13
CA MET A 75 7.58 -2.91 1.16
C MET A 75 8.32 -2.19 2.28
N ASN A 76 8.50 -2.84 3.43
CA ASN A 76 9.21 -2.20 4.52
C ASN A 76 10.69 -2.05 4.23
N ALA A 77 11.22 -2.79 3.25
CA ALA A 77 12.62 -2.71 2.87
C ALA A 77 12.89 -1.73 1.74
N ARG A 78 11.88 -1.01 1.25
CA ARG A 78 12.15 0.10 0.34
C ARG A 78 13.07 1.13 1.01
N PRO A 79 13.83 1.88 0.21
CA PRO A 79 13.88 1.83 -1.25
C PRO A 79 14.65 0.63 -1.76
N HIS A 80 14.17 0.05 -2.85
CA HIS A 80 14.83 -1.08 -3.50
C HIS A 80 15.63 -0.60 -4.70
N LYS A 81 16.93 -0.87 -4.69
CA LYS A 81 17.81 -0.63 -5.83
C LYS A 81 18.06 -1.98 -6.48
N VAL A 82 17.52 -2.17 -7.68
CA VAL A 82 17.54 -3.45 -8.37
C VAL A 82 18.37 -3.25 -9.63
N ASP A 83 19.47 -3.99 -9.73
CA ASP A 83 20.37 -3.86 -10.89
C ASP A 83 20.77 -2.41 -11.12
N GLY A 84 21.01 -1.67 -10.03
CA GLY A 84 21.56 -0.33 -10.09
C GLY A 84 20.55 0.80 -10.16
N ARG A 85 19.25 0.50 -10.19
CA ARG A 85 18.22 1.51 -10.36
C ARG A 85 17.19 1.38 -9.24
N VAL A 86 16.77 2.51 -8.67
CA VAL A 86 15.75 2.50 -7.64
C VAL A 86 14.40 2.27 -8.31
N VAL A 87 13.70 1.22 -7.90
CA VAL A 87 12.46 0.82 -8.54
C VAL A 87 11.29 1.29 -7.68
N GLU A 88 10.07 1.10 -8.18
CA GLU A 88 8.85 1.58 -7.52
C GLU A 88 7.88 0.42 -7.34
N PRO A 89 7.92 -0.26 -6.20
CA PRO A 89 6.96 -1.33 -5.92
C PRO A 89 5.64 -0.78 -5.41
N LYS A 90 4.56 -1.39 -5.89
CA LYS A 90 3.21 -1.02 -5.41
C LYS A 90 2.36 -2.29 -5.35
N ARG A 91 1.50 -2.36 -4.35
CA ARG A 91 0.56 -3.49 -4.29
C ARG A 91 -0.39 -3.40 -5.50
N ALA A 92 -0.89 -4.55 -5.90
CA ALA A 92 -1.80 -4.63 -7.05
C ALA A 92 -3.05 -3.81 -6.78
N VAL A 93 -3.69 -3.43 -7.87
CA VAL A 93 -4.92 -2.60 -7.75
C VAL A 93 -6.08 -3.36 -7.09
N SER A 94 -6.94 -2.61 -6.40
CA SER A 94 -8.13 -3.19 -5.74
C SER A 94 -9.42 -2.59 -6.32
N HIS A 104 -3.23 2.14 -10.71
CA HIS A 104 -3.10 2.35 -9.27
C HIS A 104 -3.37 3.82 -8.94
N LEU A 105 -4.28 4.05 -8.00
CA LEU A 105 -4.57 5.41 -7.52
C LEU A 105 -3.67 5.63 -6.32
N THR A 106 -2.51 6.26 -6.55
CA THR A 106 -1.46 6.28 -5.53
C THR A 106 -1.57 7.55 -4.69
N VAL A 107 -2.10 7.41 -3.48
CA VAL A 107 -2.35 8.55 -2.61
C VAL A 107 -1.89 8.22 -1.20
N LYS A 108 -1.73 9.26 -0.40
CA LYS A 108 -1.24 9.14 0.97
C LYS A 108 -2.29 9.49 2.00
N LYS A 109 -3.53 9.72 1.59
CA LYS A 109 -4.57 10.25 2.45
C LYS A 109 -5.81 9.38 2.38
N ILE A 110 -6.44 9.17 3.54
CA ILE A 110 -7.69 8.41 3.61
C ILE A 110 -8.77 9.26 4.24
N PHE A 111 -9.99 8.99 3.78
CA PHE A 111 -11.23 9.39 4.43
C PHE A 111 -11.63 8.30 5.41
N VAL A 112 -12.00 8.70 6.62
CA VAL A 112 -12.49 7.79 7.66
C VAL A 112 -13.88 8.26 8.07
N GLY A 113 -14.90 7.49 7.71
CA GLY A 113 -16.26 7.86 8.05
C GLY A 113 -16.89 6.98 9.09
N GLY A 114 -17.95 7.47 9.72
CA GLY A 114 -18.68 6.69 10.69
C GLY A 114 -18.13 6.76 12.10
N ILE A 115 -17.30 7.76 12.40
CA ILE A 115 -16.67 7.86 13.71
C ILE A 115 -17.52 8.65 14.70
N LYS A 116 -18.63 9.23 14.24
CA LYS A 116 -19.60 9.89 15.12
C LYS A 116 -18.97 11.07 15.83
N GLU A 117 -19.53 11.46 16.98
CA GLU A 117 -19.10 12.67 17.65
C GLU A 117 -18.14 12.41 18.81
N ASP A 118 -17.88 11.16 19.17
CA ASP A 118 -17.06 10.86 20.34
C ASP A 118 -15.66 10.37 20.00
N THR A 119 -15.29 10.32 18.72
CA THR A 119 -13.97 9.85 18.33
C THR A 119 -13.01 11.03 18.29
N GLU A 120 -11.86 10.88 18.97
CA GLU A 120 -10.84 11.90 19.13
C GLU A 120 -9.59 11.53 18.33
N GLU A 121 -8.64 12.47 18.32
CA GLU A 121 -7.42 12.29 17.55
C GLU A 121 -6.66 11.04 17.98
N HIS A 122 -6.58 10.80 19.27
CA HIS A 122 -5.76 9.70 19.77
C HIS A 122 -6.34 8.33 19.41
N HIS A 123 -7.68 8.24 19.31
CA HIS A 123 -8.31 7.01 18.80
C HIS A 123 -7.82 6.69 17.40
N LEU A 124 -7.85 7.68 16.51
CA LEU A 124 -7.42 7.47 15.14
C LEU A 124 -5.92 7.20 15.07
N ARG A 125 -5.14 7.95 15.87
CA ARG A 125 -3.68 7.79 15.81
C ARG A 125 -3.27 6.40 16.30
N ASP A 126 -3.81 5.97 17.45
CA ASP A 126 -3.41 4.70 18.02
C ASP A 126 -3.70 3.56 17.07
N TYR A 127 -4.80 3.66 16.31
CA TYR A 127 -5.14 2.61 15.37
C TYR A 127 -4.31 2.71 14.09
N PHE A 128 -4.33 3.87 13.44
CA PHE A 128 -3.74 3.94 12.12
C PHE A 128 -2.22 4.00 12.12
N GLU A 129 -1.59 4.32 13.26
CA GLU A 129 -0.14 4.40 13.28
C GLU A 129 0.51 3.05 13.02
N GLN A 130 -0.22 1.96 13.19
CA GLN A 130 0.33 0.65 12.89
C GLN A 130 0.27 0.31 11.41
N TYR A 131 -0.35 1.16 10.59
CA TYR A 131 -0.29 1.02 9.15
C TYR A 131 0.81 1.85 8.50
N GLY A 132 1.25 2.90 9.17
CA GLY A 132 2.29 3.74 8.59
C GLY A 132 2.46 4.97 9.43
N LYS A 133 3.43 5.79 9.02
CA LYS A 133 3.76 7.01 9.74
C LYS A 133 2.75 8.09 9.40
N ILE A 134 2.07 8.59 10.43
CA ILE A 134 1.04 9.60 10.26
C ILE A 134 1.66 10.98 10.26
N GLU A 135 1.27 11.80 9.28
CA GLU A 135 1.67 13.21 9.30
C GLU A 135 0.55 14.16 9.69
N VAL A 136 -0.70 13.87 9.33
CA VAL A 136 -1.81 14.78 9.64
C VAL A 136 -3.03 13.96 10.02
N ILE A 137 -3.71 14.37 11.09
CA ILE A 137 -5.06 13.89 11.38
C ILE A 137 -5.98 15.10 11.43
N GLU A 138 -7.04 15.05 10.64
CA GLU A 138 -7.99 16.16 10.55
C GLU A 138 -9.38 15.62 10.90
N ILE A 139 -9.85 15.91 12.11
CA ILE A 139 -11.19 15.53 12.52
C ILE A 139 -12.13 16.66 12.09
N MET A 140 -13.11 16.32 11.26
CA MET A 140 -13.91 17.34 10.60
C MET A 140 -14.99 17.87 11.53
N THR A 141 -15.15 19.20 11.52
CA THR A 141 -16.12 19.88 12.36
C THR A 141 -16.97 20.81 11.50
N ASP A 142 -18.17 21.09 12.01
CA ASP A 142 -19.09 21.92 11.28
C ASP A 142 -18.61 23.37 11.25
N ARG A 143 -18.62 23.95 10.05
CA ARG A 143 -18.13 25.30 9.82
C ARG A 143 -18.89 26.34 10.63
N GLY A 144 -20.17 26.08 10.90
CA GLY A 144 -20.98 27.03 11.66
C GLY A 144 -20.96 26.82 13.15
N SER A 145 -21.09 25.57 13.61
CA SER A 145 -21.29 25.27 15.01
C SER A 145 -20.06 24.72 15.70
N GLY A 146 -19.08 24.23 14.95
CA GLY A 146 -17.95 23.56 15.55
C GLY A 146 -18.18 22.13 15.98
N LYS A 147 -19.39 21.62 15.81
CA LYS A 147 -19.68 20.26 16.22
C LYS A 147 -18.99 19.26 15.30
N LYS A 148 -18.60 18.13 15.86
CA LYS A 148 -17.98 17.10 15.04
C LYS A 148 -18.96 16.55 14.03
N ARG A 149 -18.47 16.33 12.80
CA ARG A 149 -19.34 15.86 11.74
C ARG A 149 -19.33 14.35 11.57
N GLY A 150 -18.45 13.66 12.27
CA GLY A 150 -18.41 12.21 12.20
C GLY A 150 -17.52 11.63 11.12
N PHE A 151 -16.57 12.40 10.61
CA PHE A 151 -15.57 11.82 9.72
C PHE A 151 -14.26 12.59 9.87
N ALA A 152 -13.21 12.01 9.31
CA ALA A 152 -11.86 12.52 9.48
C ALA A 152 -11.04 12.17 8.26
N PHE A 153 -9.91 12.85 8.11
CA PHE A 153 -8.91 12.49 7.12
C PHE A 153 -7.59 12.22 7.83
N VAL A 154 -6.89 11.19 7.38
CA VAL A 154 -5.57 10.86 7.91
C VAL A 154 -4.60 10.86 6.74
N THR A 155 -3.50 11.59 6.89
CA THR A 155 -2.45 11.66 5.88
C THR A 155 -1.20 10.97 6.41
N PHE A 156 -0.65 10.07 5.60
CA PHE A 156 0.55 9.31 5.92
C PHE A 156 1.72 9.83 5.11
N ASP A 157 2.92 9.39 5.49
CA ASP A 157 4.10 9.81 4.73
C ASP A 157 4.34 8.97 3.48
N ASP A 158 3.48 7.99 3.19
CA ASP A 158 3.75 7.07 2.09
C ASP A 158 2.47 6.33 1.72
N HIS A 159 2.38 5.96 0.45
CA HIS A 159 1.14 5.38 -0.07
C HIS A 159 0.89 3.95 0.39
N ASP A 160 1.92 3.18 0.79
CA ASP A 160 1.64 1.77 1.08
C ASP A 160 0.74 1.63 2.29
N SER A 161 0.86 2.54 3.26
N SER A 161 0.85 2.56 3.24
CA SER A 161 -0.07 2.57 4.38
CA SER A 161 -0.06 2.58 4.39
C SER A 161 -1.51 2.56 3.90
C SER A 161 -1.51 2.58 3.92
N VAL A 162 -1.85 3.49 3.00
CA VAL A 162 -3.19 3.58 2.46
C VAL A 162 -3.58 2.31 1.71
N ASP A 163 -2.65 1.76 0.92
CA ASP A 163 -2.96 0.56 0.15
C ASP A 163 -3.28 -0.62 1.06
N LYS A 164 -2.58 -0.75 2.19
CA LYS A 164 -2.90 -1.80 3.16
C LYS A 164 -4.26 -1.55 3.80
N ILE A 165 -4.56 -0.29 4.11
CA ILE A 165 -5.77 0.04 4.84
C ILE A 165 -7.01 -0.28 4.00
N VAL A 166 -7.02 0.14 2.73
CA VAL A 166 -8.27 0.10 1.99
C VAL A 166 -8.60 -1.29 1.46
N ILE A 167 -7.68 -2.26 1.53
CA ILE A 167 -8.04 -3.62 1.16
C ILE A 167 -8.57 -4.42 2.33
N GLN A 168 -8.53 -3.89 3.55
CA GLN A 168 -9.17 -4.57 4.66
C GLN A 168 -10.70 -4.51 4.51
N LYS A 169 -11.37 -5.59 4.87
CA LYS A 169 -12.83 -5.57 4.87
C LYS A 169 -13.41 -4.69 5.96
N TYR A 170 -12.74 -4.59 7.10
CA TYR A 170 -13.27 -3.97 8.31
C TYR A 170 -12.25 -3.05 8.95
N HIS A 171 -12.72 -1.94 9.52
CA HIS A 171 -11.92 -1.10 10.40
C HIS A 171 -12.75 -0.73 11.62
N THR A 172 -12.27 -1.13 12.80
CA THR A 172 -12.94 -0.86 14.07
C THR A 172 -12.08 0.13 14.85
N VAL A 173 -12.64 1.32 15.09
CA VAL A 173 -11.97 2.40 15.81
C VAL A 173 -12.96 2.99 16.80
N ASN A 174 -12.57 3.05 18.08
CA ASN A 174 -13.42 3.63 19.12
C ASN A 174 -14.77 2.93 19.17
N GLY A 175 -14.76 1.61 18.96
CA GLY A 175 -15.97 0.81 18.92
C GLY A 175 -16.83 1.00 17.69
N HIS A 176 -16.47 1.89 16.78
CA HIS A 176 -17.26 2.15 15.59
C HIS A 176 -16.71 1.31 14.44
N ASN A 177 -17.62 0.72 13.66
CA ASN A 177 -17.24 0.13 12.37
C ASN A 177 -17.18 1.25 11.34
N CYS A 178 -15.97 1.51 10.83
CA CYS A 178 -15.71 2.69 10.02
C CYS A 178 -15.67 2.35 8.53
N GLU A 179 -16.03 3.33 7.71
CA GLU A 179 -15.85 3.27 6.27
C GLU A 179 -14.59 4.05 5.93
N VAL A 180 -13.65 3.39 5.25
CA VAL A 180 -12.37 4.00 4.94
C VAL A 180 -12.14 3.92 3.44
N ARG A 181 -11.77 5.04 2.84
CA ARG A 181 -11.49 5.04 1.42
C ARG A 181 -10.35 6.00 1.12
N LYS A 182 -9.75 5.82 -0.06
CA LYS A 182 -8.72 6.73 -0.53
C LYS A 182 -9.32 8.13 -0.71
N ALA A 183 -8.55 9.15 -0.36
CA ALA A 183 -8.99 10.55 -0.46
C ALA A 183 -8.11 11.31 -1.44
N LEU A 184 -8.75 12.03 -2.37
CA LEU A 184 -8.12 12.82 -3.44
C LEU A 184 -6.81 12.24 -3.96
N1 A1H9W B . -14.58 -2.14 2.39
C4 A1H9W B . -12.89 -0.37 2.81
C5 A1H9W B . -12.01 -0.41 4.03
C6 A1H9W B . -13.85 0.01 5.44
C7 A1H9W B . -14.34 -1.16 4.66
C1 A1H9W B . -14.56 -1.97 0.94
C2 A1H9W B . -14.30 -0.89 3.14
C3 A1H9W B . -15.38 0.12 2.76
O1 A1H9W B . -14.84 1.42 2.56
O2 A1H9W B . -12.54 0.41 5.06
#